data_9QK6
#
_entry.id   9QK6
#
_cell.length_a   90.042
_cell.length_b   90.042
_cell.length_c   50.997
_cell.angle_alpha   90.000
_cell.angle_beta   90.000
_cell.angle_gamma   120.000
#
_symmetry.space_group_name_H-M   'P 32 2 1'
#
loop_
_entity.id
_entity.type
_entity.pdbx_description
1 polymer SlPYL1-NIO
2 non-polymer '(2~{S})-2-[[(~{E})-3-(3-methoxy-4-oxidanyl-phenyl)prop-2-enoyl]amino]-3-phenyl-propanoic acid'
3 non-polymer 'DIMETHYL SULFOXIDE'
4 water water
#
_entity_poly.entity_id   1
_entity_poly.type   'polypeptide(L)'
_entity_poly.pdbx_seq_one_letter_code
;MDNKPETSLDNPVHQRSEPGSETGSSLSTITTHHLTVPPGLTPEEFQELSSSIAEFHSYRINPGQCSSLLAQRIHAPVET
VWTVVRRFDKPQTYKHFIKSCSVGEDFRMTVGSTRDVTVISGLPAATSTERLDILDDDRHVTGFSIIGGEHRLRNYRSVT
TVHGFERDGEIWTVVLESYVVDVPEGNTEEDTRLFADTVVKLNLQKLASVTETLAREAGNGSVNSRDASHRS
;
_entity_poly.pdbx_strand_id   A
#
loop_
_chem_comp.id
_chem_comp.type
_chem_comp.name
_chem_comp.formula
A1I70 non-polymer '(2~{S})-2-[[(~{E})-3-(3-methoxy-4-oxidanyl-phenyl)prop-2-enoyl]amino]-3-phenyl-propanoic acid' 'C19 H19 N O5'
DMS non-polymer 'DIMETHYL SULFOXIDE' 'C2 H6 O S'
#
# COMPACT_ATOMS: atom_id res chain seq x y z
N LEU A 27 14.08 -11.54 20.09
CA LEU A 27 13.75 -10.17 20.44
C LEU A 27 13.14 -9.50 19.17
N SER A 28 12.84 -8.22 19.26
CA SER A 28 12.41 -7.42 18.12
C SER A 28 13.59 -7.09 17.22
N THR A 29 13.28 -6.75 15.98
CA THR A 29 14.30 -6.39 15.00
C THR A 29 13.66 -5.37 14.06
N ILE A 30 14.52 -4.62 13.34
CA ILE A 30 14.12 -3.65 12.29
C ILE A 30 14.15 -4.35 10.95
N THR A 31 13.15 -4.04 10.10
CA THR A 31 13.08 -4.56 8.74
C THR A 31 14.26 -4.03 7.92
N THR A 32 14.65 -4.75 6.87
CA THR A 32 15.80 -4.34 6.07
C THR A 32 15.39 -3.97 4.65
N HIS A 33 14.14 -3.51 4.48
CA HIS A 33 13.66 -3.19 3.15
C HIS A 33 14.51 -2.11 2.52
N HIS A 34 15.10 -1.26 3.33
CA HIS A 34 15.86 -0.14 2.82
C HIS A 34 17.28 -0.51 2.44
N LEU A 35 17.63 -1.80 2.51
CA LEU A 35 18.98 -2.26 2.29
C LEU A 35 19.08 -3.18 1.09
N THR A 36 17.96 -3.54 0.46
CA THR A 36 17.99 -4.35 -0.75
C THR A 36 17.00 -3.81 -1.77
N VAL A 37 17.20 -4.20 -3.01
CA VAL A 37 16.34 -3.70 -4.08
C VAL A 37 15.07 -4.55 -4.05
N PRO A 38 13.89 -3.97 -3.90
CA PRO A 38 12.69 -4.79 -3.86
C PRO A 38 12.26 -5.21 -5.26
N PRO A 39 11.41 -6.22 -5.34
CA PRO A 39 10.81 -6.58 -6.63
C PRO A 39 10.10 -5.38 -7.23
N GLY A 40 10.38 -5.14 -8.48
CA GLY A 40 9.67 -4.13 -9.24
C GLY A 40 10.41 -2.83 -9.38
N LEU A 41 11.59 -2.72 -8.79
CA LEU A 41 12.40 -1.49 -8.78
C LEU A 41 13.76 -1.76 -9.41
N THR A 42 14.31 -0.77 -10.13
CA THR A 42 15.66 -0.91 -10.64
C THR A 42 16.69 -0.46 -9.61
N PRO A 43 17.94 -0.92 -9.75
CA PRO A 43 18.98 -0.43 -8.85
C PRO A 43 19.15 1.07 -8.90
N GLU A 44 19.02 1.67 -10.10
CA GLU A 44 19.09 3.13 -10.21
C GLU A 44 17.97 3.80 -9.42
N GLU A 45 16.75 3.26 -9.53
CA GLU A 45 15.63 3.84 -8.81
C GLU A 45 15.80 3.66 -7.31
N PHE A 46 16.29 2.48 -6.90
CA PHE A 46 16.55 2.23 -5.49
C PHE A 46 17.48 3.28 -4.91
N GLN A 47 18.59 3.55 -5.59
CA GLN A 47 19.56 4.48 -5.04
C GLN A 47 18.91 5.82 -4.75
N GLU A 48 17.90 6.22 -5.55
CA GLU A 48 17.21 7.47 -5.30
C GLU A 48 16.23 7.36 -4.14
N LEU A 49 15.70 6.18 -3.89
CA LEU A 49 14.66 6.06 -2.88
C LEU A 49 15.12 5.51 -1.55
N SER A 50 16.41 5.18 -1.38
CA SER A 50 16.79 4.42 -0.20
C SER A 50 16.45 5.16 1.07
N SER A 51 16.62 6.49 1.06
CA SER A 51 16.33 7.27 2.25
C SER A 51 14.84 7.29 2.55
N SER A 52 13.99 7.30 1.51
CA SER A 52 12.55 7.29 1.74
C SER A 52 12.13 5.93 2.26
N ILE A 53 12.77 4.87 1.77
CA ILE A 53 12.44 3.53 2.27
C ILE A 53 12.78 3.45 3.73
N ALA A 54 13.92 4.04 4.12
CA ALA A 54 14.31 4.02 5.51
C ALA A 54 13.32 4.79 6.37
N GLU A 55 12.83 5.92 5.87
CA GLU A 55 11.99 6.84 6.65
C GLU A 55 10.58 6.32 6.81
N PHE A 56 9.99 5.82 5.74
CA PHE A 56 8.58 5.49 5.74
C PHE A 56 8.26 4.02 5.66
N HIS A 57 9.20 3.17 5.26
CA HIS A 57 8.94 1.76 5.01
C HIS A 57 9.82 0.88 5.88
N SER A 58 10.04 1.34 7.12
CA SER A 58 10.74 0.59 8.17
C SER A 58 9.78 0.28 9.30
N TYR A 59 9.90 -0.93 9.86
CA TYR A 59 9.02 -1.37 10.92
C TYR A 59 9.86 -2.12 11.95
N ARG A 60 9.45 -2.03 13.19
CA ARG A 60 10.03 -2.92 14.18
C ARG A 60 9.08 -4.10 14.29
N ILE A 61 9.64 -5.29 14.20
CA ILE A 61 8.91 -6.49 13.86
C ILE A 61 9.28 -7.55 14.90
N ASN A 62 8.27 -8.25 15.36
CA ASN A 62 8.39 -9.20 16.46
C ASN A 62 8.19 -10.60 15.90
N PRO A 63 8.60 -11.63 16.62
CA PRO A 63 8.35 -12.98 16.12
C PRO A 63 6.86 -13.15 15.89
N GLY A 64 6.51 -13.92 14.88
CA GLY A 64 5.11 -14.03 14.58
C GLY A 64 4.57 -12.94 13.65
N GLN A 65 5.40 -11.99 13.25
CA GLN A 65 5.00 -11.02 12.23
C GLN A 65 5.81 -11.21 10.97
N CYS A 66 5.25 -10.72 9.85
CA CYS A 66 5.91 -10.74 8.53
C CYS A 66 5.89 -9.31 8.00
N SER A 67 6.89 -8.93 7.20
CA SER A 67 6.85 -7.61 6.61
C SER A 67 7.44 -7.69 5.22
N SER A 68 6.96 -6.82 4.31
CA SER A 68 7.40 -6.88 2.94
C SER A 68 7.33 -5.48 2.32
N LEU A 69 8.14 -5.27 1.26
CA LEU A 69 8.11 -4.04 0.47
C LEU A 69 7.93 -4.41 -1.01
N LEU A 70 6.94 -3.81 -1.64
CA LEU A 70 6.67 -4.04 -3.06
C LEU A 70 6.77 -2.72 -3.78
N ALA A 71 7.14 -2.79 -5.07
CA ALA A 71 7.25 -1.59 -5.88
C ALA A 71 6.55 -1.77 -7.22
N GLN A 72 6.15 -0.65 -7.82
CA GLN A 72 5.47 -0.68 -9.10
C GLN A 72 5.83 0.57 -9.88
N ARG A 73 6.33 0.38 -11.10
CA ARG A 73 6.56 1.51 -11.99
C ARG A 73 5.27 1.88 -12.71
N ILE A 74 5.02 3.19 -12.83
CA ILE A 74 3.81 3.66 -13.52
C ILE A 74 4.20 4.76 -14.50
N HIS A 75 3.74 4.64 -15.74
CA HIS A 75 4.05 5.65 -16.74
C HIS A 75 3.00 6.76 -16.65
N ALA A 76 3.12 7.56 -15.59
CA ALA A 76 2.19 8.64 -15.33
C ALA A 76 2.86 9.61 -14.36
N PRO A 77 2.44 10.88 -14.36
CA PRO A 77 3.06 11.87 -13.48
C PRO A 77 2.73 11.58 -12.02
N VAL A 78 3.64 11.96 -11.12
CA VAL A 78 3.41 11.67 -9.70
C VAL A 78 2.04 12.17 -9.26
N GLU A 79 1.65 13.39 -9.65
CA GLU A 79 0.42 13.89 -9.02
C GLU A 79 -0.82 13.18 -9.54
N THR A 80 -0.76 12.66 -10.77
CA THR A 80 -1.87 11.85 -11.29
C THR A 80 -2.05 10.59 -10.44
N VAL A 81 -0.94 9.92 -10.16
CA VAL A 81 -1.00 8.70 -9.33
C VAL A 81 -1.45 9.05 -7.93
N TRP A 82 -0.89 10.13 -7.36
CA TRP A 82 -1.21 10.49 -6.00
C TRP A 82 -2.68 10.81 -5.85
N THR A 83 -3.29 11.41 -6.87
CA THR A 83 -4.72 11.71 -6.80
C THR A 83 -5.54 10.45 -6.53
N VAL A 84 -5.11 9.29 -7.03
CA VAL A 84 -5.84 8.05 -6.75
C VAL A 84 -5.39 7.42 -5.41
N VAL A 85 -4.07 7.40 -5.14
CA VAL A 85 -3.56 6.73 -3.94
C VAL A 85 -4.14 7.35 -2.68
N ARG A 86 -4.39 8.66 -2.70
CA ARG A 86 -4.74 9.39 -1.47
C ARG A 86 -6.20 9.28 -1.09
N ARG A 87 -7.03 8.66 -1.92
CA ARG A 87 -8.47 8.69 -1.72
C ARG A 87 -8.85 7.53 -0.81
N PHE A 88 -8.65 7.75 0.48
CA PHE A 88 -8.86 6.73 1.50
C PHE A 88 -10.29 6.22 1.48
N ASP A 89 -11.23 7.07 1.07
CA ASP A 89 -12.62 6.67 1.05
C ASP A 89 -13.00 5.80 -0.15
N LYS A 90 -12.14 5.64 -1.15
CA LYS A 90 -12.48 4.84 -2.33
C LYS A 90 -11.32 3.93 -2.71
N PRO A 91 -10.96 2.99 -1.84
CA PRO A 91 -9.86 2.08 -2.17
C PRO A 91 -10.21 1.18 -3.33
N GLN A 92 -11.50 0.94 -3.56
CA GLN A 92 -11.92 0.06 -4.63
C GLN A 92 -11.63 0.64 -6.00
N THR A 93 -11.17 1.90 -6.06
CA THR A 93 -10.75 2.48 -7.33
C THR A 93 -9.51 1.78 -7.86
N TYR A 94 -8.66 1.26 -6.98
CA TYR A 94 -7.51 0.48 -7.47
C TYR A 94 -7.34 -0.88 -6.80
N LYS A 95 -8.08 -1.20 -5.73
CA LYS A 95 -7.85 -2.47 -5.09
C LYS A 95 -8.88 -3.51 -5.52
N HIS A 96 -8.44 -4.74 -5.56
CA HIS A 96 -9.24 -5.93 -5.87
C HIS A 96 -9.91 -6.48 -4.63
N PHE A 97 -11.03 -7.22 -4.87
CA PHE A 97 -11.72 -8.02 -3.84
C PHE A 97 -12.45 -7.18 -2.80
N ILE A 98 -12.85 -5.96 -3.20
CA ILE A 98 -13.65 -5.07 -2.37
C ILE A 98 -15.09 -5.05 -2.87
N LYS A 99 -16.00 -5.49 -2.01
CA LYS A 99 -17.43 -5.48 -2.36
C LYS A 99 -18.00 -4.09 -2.16
N SER A 100 -17.62 -3.42 -1.08
CA SER A 100 -18.10 -2.08 -0.81
C SER A 100 -17.14 -1.45 0.19
N CYS A 101 -17.21 -0.14 0.27
CA CYS A 101 -16.43 0.61 1.27
C CYS A 101 -17.28 1.75 1.77
N SER A 102 -17.49 1.84 3.09
CA SER A 102 -18.30 2.94 3.60
C SER A 102 -17.49 3.79 4.56
N VAL A 103 -17.71 5.10 4.49
CA VAL A 103 -17.09 5.99 5.47
C VAL A 103 -18.13 6.77 6.26
N GLY A 104 -19.40 6.57 5.99
CA GLY A 104 -20.39 7.33 6.73
C GLY A 104 -20.56 8.72 6.12
N GLU A 105 -20.94 9.65 6.96
CA GLU A 105 -21.48 10.90 6.46
C GLU A 105 -20.60 12.09 6.78
N ASP A 106 -20.05 12.14 7.97
CA ASP A 106 -19.20 13.22 8.40
C ASP A 106 -17.80 13.12 7.85
N PHE A 107 -17.55 12.27 6.87
CA PHE A 107 -16.17 11.93 6.53
C PHE A 107 -15.45 13.12 5.94
N ARG A 108 -14.28 13.43 6.50
CA ARG A 108 -13.30 14.32 5.91
C ARG A 108 -11.99 13.57 5.86
N MET A 109 -11.20 13.82 4.83
CA MET A 109 -9.91 13.15 4.65
C MET A 109 -8.92 13.65 5.71
N THR A 110 -9.03 13.12 6.93
CA THR A 110 -8.11 13.48 8.02
C THR A 110 -7.57 12.23 8.69
N VAL A 111 -6.33 12.32 9.18
CA VAL A 111 -5.74 11.20 9.90
C VAL A 111 -6.65 10.87 11.08
N GLY A 112 -6.80 9.58 11.36
CA GLY A 112 -7.73 9.15 12.37
C GLY A 112 -9.08 8.72 11.85
N SER A 113 -9.45 9.13 10.62
CA SER A 113 -10.73 8.69 10.07
C SER A 113 -10.72 7.19 9.84
N THR A 114 -11.90 6.57 9.74
CA THR A 114 -11.93 5.15 9.51
C THR A 114 -12.79 4.85 8.30
N ARG A 115 -12.57 3.67 7.75
CA ARG A 115 -13.48 3.13 6.71
C ARG A 115 -13.78 1.68 7.01
N ASP A 116 -14.98 1.21 6.59
CA ASP A 116 -15.40 -0.18 6.72
C ASP A 116 -15.39 -0.81 5.33
N VAL A 117 -14.50 -1.75 5.09
CA VAL A 117 -14.31 -2.36 3.76
C VAL A 117 -14.97 -3.72 3.82
N THR A 118 -15.93 -4.01 2.92
CA THR A 118 -16.51 -5.35 2.92
C THR A 118 -15.73 -6.17 1.91
N VAL A 119 -15.19 -7.31 2.34
CA VAL A 119 -14.16 -8.04 1.61
C VAL A 119 -14.81 -9.15 0.79
N ILE A 120 -14.30 -9.39 -0.42
CA ILE A 120 -14.76 -10.52 -1.26
C ILE A 120 -13.82 -11.68 -1.00
N SER A 121 -14.36 -12.77 -0.51
CA SER A 121 -13.51 -13.90 -0.18
C SER A 121 -14.36 -15.14 -0.28
N GLY A 122 -13.71 -16.27 -0.13
CA GLY A 122 -14.58 -17.44 -0.27
C GLY A 122 -15.29 -17.78 1.00
N LEU A 123 -15.01 -17.02 2.05
CA LEU A 123 -15.55 -17.19 3.38
C LEU A 123 -16.84 -16.38 3.54
N PRO A 124 -17.58 -16.58 4.63
CA PRO A 124 -18.79 -15.80 4.84
C PRO A 124 -18.44 -14.33 5.00
N ALA A 125 -19.47 -13.49 5.04
CA ALA A 125 -19.26 -12.04 5.02
C ALA A 125 -18.26 -11.60 6.07
N ALA A 126 -17.40 -10.65 5.68
CA ALA A 126 -16.54 -10.04 6.69
C ALA A 126 -16.19 -8.60 6.30
N THR A 127 -16.14 -7.75 7.31
CA THR A 127 -15.84 -6.35 7.11
C THR A 127 -14.53 -6.07 7.82
N SER A 128 -13.69 -5.27 7.17
CA SER A 128 -12.42 -4.84 7.72
C SER A 128 -12.56 -3.37 8.09
N THR A 129 -12.29 -3.02 9.33
CA THR A 129 -12.32 -1.63 9.76
C THR A 129 -10.89 -1.13 9.75
N GLU A 130 -10.66 0.00 9.08
CA GLU A 130 -9.32 0.45 8.74
C GLU A 130 -9.20 1.91 9.12
N ARG A 131 -8.06 2.30 9.70
CA ARG A 131 -7.85 3.66 10.17
C ARG A 131 -6.77 4.33 9.31
N LEU A 132 -7.01 5.59 8.94
CA LEU A 132 -6.06 6.34 8.15
C LEU A 132 -4.98 6.84 9.12
N ASP A 133 -3.72 6.41 8.92
CA ASP A 133 -2.62 6.70 9.85
C ASP A 133 -1.76 7.89 9.44
N ILE A 134 -1.65 8.12 8.15
CA ILE A 134 -0.74 9.10 7.59
C ILE A 134 -1.42 9.69 6.38
N LEU A 135 -1.31 10.99 6.20
CA LEU A 135 -1.71 11.52 4.88
C LEU A 135 -0.94 12.82 4.71
N ASP A 136 0.11 12.79 3.89
CA ASP A 136 0.97 13.95 3.66
C ASP A 136 0.94 14.24 2.15
N ASP A 137 0.21 15.29 1.75
CA ASP A 137 0.04 15.61 0.33
C ASP A 137 1.27 16.26 -0.28
N ASP A 138 2.16 16.78 0.56
CA ASP A 138 3.37 17.44 0.07
C ASP A 138 4.42 16.41 -0.28
N ARG A 139 4.54 15.38 0.56
CA ARG A 139 5.52 14.34 0.43
C ARG A 139 4.95 13.08 -0.21
N HIS A 140 3.63 13.00 -0.39
CA HIS A 140 2.99 11.89 -1.08
C HIS A 140 3.14 10.59 -0.29
N VAL A 141 2.76 10.67 0.98
CA VAL A 141 2.80 9.50 1.87
C VAL A 141 1.43 9.27 2.45
N THR A 142 0.98 8.01 2.44
CA THR A 142 -0.23 7.67 3.18
C THR A 142 -0.06 6.29 3.77
N GLY A 143 -0.91 5.96 4.75
CA GLY A 143 -0.86 4.62 5.31
C GLY A 143 -2.08 4.37 6.16
N PHE A 144 -2.34 3.08 6.42
CA PHE A 144 -3.52 2.74 7.21
C PHE A 144 -3.24 1.51 8.03
N SER A 145 -4.13 1.27 9.03
CA SER A 145 -4.04 0.12 9.93
C SER A 145 -5.37 -0.59 9.88
N ILE A 146 -5.35 -1.92 9.81
CA ILE A 146 -6.57 -2.70 10.02
C ILE A 146 -6.77 -2.87 11.51
N ILE A 147 -7.84 -2.31 12.00
CA ILE A 147 -8.04 -2.34 13.44
C ILE A 147 -9.13 -3.31 13.85
N GLY A 148 -9.84 -3.93 12.91
CA GLY A 148 -10.81 -4.94 13.30
C GLY A 148 -11.37 -5.66 12.10
N GLY A 149 -12.15 -6.69 12.36
CA GLY A 149 -12.69 -7.52 11.28
C GLY A 149 -12.19 -8.94 11.45
N GLU A 150 -12.96 -9.94 11.02
CA GLU A 150 -12.54 -11.34 11.14
C GLU A 150 -11.95 -11.77 9.79
N HIS A 151 -10.65 -11.60 9.64
CA HIS A 151 -9.98 -12.13 8.47
C HIS A 151 -8.55 -12.51 8.85
N ARG A 152 -7.73 -12.76 7.84
CA ARG A 152 -6.43 -13.36 8.04
C ARG A 152 -5.27 -12.38 8.01
N LEU A 153 -5.53 -11.07 7.97
CA LEU A 153 -4.47 -10.09 8.08
C LEU A 153 -4.64 -9.29 9.36
N ARG A 154 -4.52 -9.96 10.54
CA ARG A 154 -4.70 -9.29 11.83
C ARG A 154 -3.58 -8.32 12.07
N ASN A 155 -3.92 -7.14 12.56
CA ASN A 155 -2.92 -6.12 12.91
C ASN A 155 -2.06 -5.74 11.72
N TYR A 156 -2.67 -5.75 10.56
CA TYR A 156 -2.01 -5.27 9.35
C TYR A 156 -1.81 -3.77 9.44
N ARG A 157 -0.62 -3.29 9.02
CA ARG A 157 -0.44 -1.86 8.89
C ARG A 157 0.44 -1.65 7.67
N SER A 158 0.18 -0.60 6.90
CA SER A 158 0.76 -0.45 5.57
C SER A 158 1.05 1.02 5.32
N VAL A 159 2.09 1.27 4.53
CA VAL A 159 2.41 2.63 4.09
C VAL A 159 2.63 2.58 2.59
N THR A 160 2.13 3.61 1.87
CA THR A 160 2.33 3.76 0.43
C THR A 160 2.99 5.11 0.17
N THR A 161 4.05 5.11 -0.61
CA THR A 161 4.64 6.39 -0.99
C THR A 161 4.72 6.45 -2.50
N VAL A 162 4.74 7.68 -3.04
CA VAL A 162 4.74 7.91 -4.50
C VAL A 162 5.92 8.80 -4.83
N HIS A 163 6.62 8.47 -5.91
CA HIS A 163 7.90 9.11 -6.18
C HIS A 163 8.05 9.36 -7.68
N GLY A 164 8.55 10.53 -8.03
CA GLY A 164 8.70 10.89 -9.45
C GLY A 164 10.11 10.71 -9.97
N PHE A 165 10.21 10.38 -11.26
CA PHE A 165 11.49 10.15 -11.92
C PHE A 165 11.47 10.82 -13.28
N GLU A 166 12.66 11.19 -13.76
CA GLU A 166 12.78 11.84 -15.06
C GLU A 166 14.07 11.38 -15.73
N ARG A 167 14.02 11.28 -17.07
CA ARG A 167 15.21 10.92 -17.85
C ARG A 167 14.99 11.52 -19.23
N ASP A 168 15.75 12.57 -19.54
CA ASP A 168 15.71 13.16 -20.87
C ASP A 168 14.28 13.52 -21.29
N GLY A 169 13.59 14.25 -20.43
CA GLY A 169 12.24 14.67 -20.71
C GLY A 169 11.14 13.67 -20.40
N GLU A 170 11.46 12.38 -20.32
CA GLU A 170 10.46 11.37 -20.02
C GLU A 170 10.30 11.30 -18.52
N ILE A 171 9.06 11.06 -18.10
CA ILE A 171 8.67 11.10 -16.68
C ILE A 171 8.02 9.77 -16.38
N TRP A 172 8.20 9.31 -15.15
CA TRP A 172 7.46 8.17 -14.68
C TRP A 172 7.40 8.26 -13.17
N THR A 173 6.68 7.34 -12.56
CA THR A 173 6.43 7.31 -11.12
C THR A 173 6.74 5.91 -10.64
N VAL A 174 7.23 5.85 -9.41
CA VAL A 174 7.35 4.59 -8.67
C VAL A 174 6.46 4.70 -7.45
N VAL A 175 5.67 3.65 -7.20
CA VAL A 175 4.89 3.55 -5.97
C VAL A 175 5.55 2.47 -5.15
N LEU A 176 5.80 2.75 -3.84
CA LEU A 176 6.31 1.77 -2.90
C LEU A 176 5.20 1.50 -1.89
N GLU A 177 4.95 0.23 -1.61
CA GLU A 177 3.95 -0.16 -0.61
C GLU A 177 4.54 -1.26 0.25
N SER A 178 4.56 -1.03 1.57
CA SER A 178 5.12 -1.98 2.52
C SER A 178 4.02 -2.29 3.53
N TYR A 179 4.19 -3.41 4.24
CA TYR A 179 3.26 -3.70 5.32
C TYR A 179 3.99 -4.48 6.39
N VAL A 180 3.36 -4.57 7.58
CA VAL A 180 3.68 -5.59 8.57
C VAL A 180 2.34 -6.22 8.94
N VAL A 181 2.37 -7.51 9.28
CA VAL A 181 1.12 -8.19 9.64
C VAL A 181 1.45 -9.38 10.51
N ASP A 182 0.45 -9.84 11.28
CA ASP A 182 0.65 -11.03 12.10
C ASP A 182 0.52 -12.29 11.26
N VAL A 183 1.30 -13.30 11.59
CA VAL A 183 1.21 -14.60 10.93
C VAL A 183 0.23 -15.45 11.74
N PRO A 184 -0.87 -15.90 11.16
CA PRO A 184 -1.85 -16.64 11.97
C PRO A 184 -1.30 -17.96 12.48
N GLU A 185 -1.74 -18.34 13.67
CA GLU A 185 -1.37 -19.64 14.18
C GLU A 185 -1.71 -20.69 13.15
N GLY A 186 -0.76 -21.59 12.89
CA GLY A 186 -1.00 -22.63 11.92
C GLY A 186 -0.67 -22.27 10.49
N ASN A 187 -0.46 -20.99 10.18
CA ASN A 187 0.15 -20.58 8.91
C ASN A 187 1.65 -20.60 9.03
N THR A 188 2.33 -20.83 7.91
CA THR A 188 3.75 -20.59 7.90
C THR A 188 4.04 -19.11 7.57
N GLU A 189 5.20 -18.62 7.98
CA GLU A 189 5.50 -17.25 7.60
C GLU A 189 5.42 -17.12 6.09
N GLU A 190 5.98 -18.09 5.37
CA GLU A 190 6.09 -17.98 3.93
C GLU A 190 4.73 -17.84 3.28
N ASP A 191 3.72 -18.54 3.78
CA ASP A 191 2.45 -18.47 3.07
C ASP A 191 1.67 -17.21 3.43
N THR A 192 1.82 -16.68 4.65
CA THR A 192 1.24 -15.36 4.94
C THR A 192 1.87 -14.30 4.04
N ARG A 193 3.20 -14.29 3.97
CA ARG A 193 3.85 -13.30 3.11
C ARG A 193 3.50 -13.52 1.64
N LEU A 194 3.44 -14.76 1.19
CA LEU A 194 3.09 -14.93 -0.22
C LEU A 194 1.72 -14.36 -0.51
N PHE A 195 0.77 -14.58 0.40
CA PHE A 195 -0.59 -14.10 0.21
C PHE A 195 -0.63 -12.59 0.15
N ALA A 196 -0.09 -11.93 1.20
CA ALA A 196 -0.19 -10.47 1.29
C ALA A 196 0.56 -9.84 0.14
N ASP A 197 1.72 -10.41 -0.21
CA ASP A 197 2.47 -9.92 -1.36
C ASP A 197 1.67 -10.07 -2.64
N THR A 198 0.98 -11.20 -2.80
CA THR A 198 0.24 -11.37 -4.05
C THR A 198 -0.84 -10.31 -4.17
N VAL A 199 -1.55 -10.04 -3.09
CA VAL A 199 -2.65 -9.07 -3.11
C VAL A 199 -2.11 -7.67 -3.37
N VAL A 200 -1.08 -7.27 -2.64
CA VAL A 200 -0.50 -5.93 -2.82
C VAL A 200 -0.03 -5.77 -4.25
N LYS A 201 0.63 -6.81 -4.79
CA LYS A 201 1.17 -6.72 -6.15
C LYS A 201 0.06 -6.57 -7.19
N LEU A 202 -1.03 -7.29 -7.02
CA LEU A 202 -2.14 -7.16 -7.95
C LEU A 202 -2.78 -5.80 -7.86
N ASN A 203 -2.90 -5.27 -6.65
CA ASN A 203 -3.54 -3.98 -6.51
C ASN A 203 -2.66 -2.88 -7.10
N LEU A 204 -1.33 -2.99 -6.96
CA LEU A 204 -0.47 -1.96 -7.59
C LEU A 204 -0.52 -2.08 -9.10
N GLN A 205 -0.69 -3.29 -9.62
CA GLN A 205 -0.84 -3.41 -11.07
C GLN A 205 -2.12 -2.71 -11.52
N LYS A 206 -3.21 -2.86 -10.76
CA LYS A 206 -4.44 -2.14 -11.06
C LYS A 206 -4.24 -0.65 -10.96
N LEU A 207 -3.54 -0.18 -9.90
CA LEU A 207 -3.25 1.23 -9.78
C LEU A 207 -2.53 1.73 -11.03
N ALA A 208 -1.57 0.96 -11.53
CA ALA A 208 -0.82 1.36 -12.70
C ALA A 208 -1.74 1.51 -13.93
N SER A 209 -2.69 0.60 -14.09
CA SER A 209 -3.56 0.67 -15.28
C SER A 209 -4.48 1.87 -15.18
N VAL A 210 -5.06 2.04 -14.00
CA VAL A 210 -6.04 3.08 -13.78
C VAL A 210 -5.43 4.45 -13.99
N THR A 211 -4.22 4.68 -13.41
CA THR A 211 -3.61 6.00 -13.51
C THR A 211 -2.90 6.21 -14.83
N GLU A 212 -2.43 5.14 -15.47
CA GLU A 212 -1.94 5.32 -16.84
C GLU A 212 -3.08 5.69 -17.77
N THR A 213 -4.26 5.10 -17.59
CA THR A 213 -5.41 5.52 -18.39
C THR A 213 -5.76 6.98 -18.13
N LEU A 214 -5.84 7.37 -16.86
CA LEU A 214 -6.09 8.75 -16.48
C LEU A 214 -5.07 9.68 -17.12
N ALA A 215 -3.81 9.23 -17.21
CA ALA A 215 -2.78 10.06 -17.82
C ALA A 215 -2.99 10.19 -19.31
N ARG A 216 -3.31 9.08 -20.00
CA ARG A 216 -3.46 9.13 -21.45
C ARG A 216 -4.57 10.09 -21.82
N GLU A 217 -5.56 10.24 -20.95
CA GLU A 217 -6.76 11.01 -21.25
C GLU A 217 -6.70 12.46 -20.78
N ALA A 218 -5.80 12.79 -19.86
CA ALA A 218 -5.70 14.17 -19.43
C ALA A 218 -6.92 14.53 -18.59
N GLY A 219 -7.18 15.82 -18.41
CA GLY A 219 -8.15 16.31 -17.44
C GLY A 219 -7.53 17.15 -16.34
C4 A1I70 B . -8.50 -6.27 4.49
C5 A1I70 B . -8.34 -7.65 4.61
C6 A1I70 B . -8.49 -8.48 3.51
C7 A1I70 B . -8.49 -9.96 3.52
C8 A1I70 B . -7.99 -10.80 4.42
C13 A1I70 B . -11.09 -15.79 6.56
C15 A1I70 B . -10.87 -14.69 4.43
C17 A1I70 B . -12.22 -13.73 6.18
C20 A1I70 B . -8.30 -14.65 1.63
C1 A1I70 B . -8.80 -7.92 2.28
C12 A1I70 B . -11.92 -14.79 7.02
C14 A1I70 B . -10.58 -15.75 5.28
C16 A1I70 B . -11.70 -13.68 4.89
C18 A1I70 B . -10.30 -14.63 3.03
C19 A1I70 B . -8.83 -14.17 2.99
C2 A1I70 B . -8.97 -6.55 2.15
C25 A1I70 B . -9.89 -6.78 -0.02
C3 A1I70 B . -8.82 -5.71 3.25
C9 A1I70 B . -8.09 -12.27 4.28
N23 A1I70 B . -8.69 -12.72 3.18
O10 A1I70 B . -7.64 -13.04 5.15
O11 A1I70 B . -8.94 -4.36 3.07
O21 A1I70 B . -8.55 -13.96 0.63
O22 A1I70 B . -7.69 -15.75 1.62
O24 A1I70 B . -9.42 -5.95 1.03
S DMS C . -4.98 -4.72 1.29
O DMS C . -4.24 -3.37 1.08
C1 DMS C . -4.05 -6.29 1.18
C2 DMS C . -5.36 -5.13 2.99
H11 DMS C . -4.06 -6.60 0.26
H12 DMS C . -4.47 -6.95 1.75
H13 DMS C . -3.13 -6.15 1.47
H21 DMS C . -6.05 -5.81 3.02
H22 DMS C . -5.68 -4.34 3.46
H23 DMS C . -4.57 -5.47 3.44
#